data_4WV7
#
_entry.id   4WV7
#
_cell.length_a   67.536
_cell.length_b   87.779
_cell.length_c   52.453
_cell.angle_alpha   90.00
_cell.angle_beta   90.00
_cell.angle_gamma   90.00
#
_symmetry.space_group_name_H-M   'P 21 21 2'
#
loop_
_entity.id
_entity.type
_entity.pdbx_description
1 polymer 'Heat shock 70 kDa protein 1A/1B'
2 non-polymer '(5beta,6alpha,8alpha,14alpha)-13-ethenyl-5,6-dihydroxy-14-methylpodocarp-12-en-15-oic acid'
3 water water
#
_entity_poly.entity_id   1
_entity_poly.type   'polypeptide(L)'
_entity_poly.pdbx_seq_one_letter_code
;GSDVAPLSLGLETAGGVMTALIKRNSTIPTKQTQIFTTYSDNQPGVLIQVYEGERAMTKDNNLLGRFELSGIPPAPRGVP
QIEVTFDIDANGILNVTATDKSTGKANKITITNDKGRLSKEEIERMVQEAEKYKAEDEVQRERVSAKNALE
;
_entity_poly.pdbx_strand_id   A,B
#
# COMPACT_ATOMS: atom_id res chain seq x y z
N ASP A 3 9.92 0.95 -28.81
CA ASP A 3 11.31 1.38 -28.82
C ASP A 3 11.74 1.86 -27.42
N VAL A 4 10.98 2.79 -26.82
CA VAL A 4 11.27 3.36 -25.50
C VAL A 4 10.15 3.09 -24.51
N ALA A 5 10.45 3.12 -23.18
CA ALA A 5 9.44 3.01 -22.10
C ALA A 5 8.91 4.46 -21.99
N PRO A 6 7.67 4.77 -22.45
CA PRO A 6 7.23 6.18 -22.43
C PRO A 6 7.06 6.79 -21.04
N LEU A 7 7.02 5.95 -19.98
CA LEU A 7 6.87 6.41 -18.58
C LEU A 7 7.77 5.63 -17.63
N SER A 8 8.11 6.24 -16.48
CA SER A 8 8.91 5.61 -15.45
C SER A 8 8.12 4.43 -14.87
N LEU A 9 8.82 3.35 -14.57
CA LEU A 9 8.19 2.15 -14.03
C LEU A 9 8.89 1.78 -12.75
N GLY A 10 8.12 1.66 -11.69
CA GLY A 10 8.66 1.37 -10.37
C GLY A 10 7.69 0.75 -9.40
N LEU A 11 8.12 0.68 -8.14
CA LEU A 11 7.38 0.14 -7.00
C LEU A 11 7.25 1.18 -5.88
N GLU A 12 6.28 0.97 -4.98
CA GLU A 12 6.03 1.80 -3.80
C GLU A 12 6.95 1.42 -2.62
N THR A 13 7.74 2.41 -2.14
CA THR A 13 8.58 2.26 -0.96
C THR A 13 7.84 2.92 0.20
N ALA A 14 8.26 2.63 1.48
CA ALA A 14 7.62 3.16 2.71
C ALA A 14 7.09 4.60 2.62
N GLY A 15 5.81 4.76 2.95
CA GLY A 15 5.15 6.05 2.93
C GLY A 15 4.54 6.43 1.60
N GLY A 16 4.34 5.44 0.74
CA GLY A 16 3.71 5.64 -0.57
C GLY A 16 4.56 6.41 -1.54
N VAL A 17 5.89 6.16 -1.46
CA VAL A 17 6.93 6.80 -2.28
C VAL A 17 7.17 6.00 -3.56
N MET A 18 7.20 6.71 -4.72
CA MET A 18 7.51 6.14 -6.02
C MET A 18 9.02 5.93 -6.14
N THR A 19 9.45 4.68 -6.27
CA THR A 19 10.88 4.40 -6.48
C THR A 19 10.94 3.73 -7.85
N ALA A 20 11.42 4.49 -8.85
CA ALA A 20 11.55 4.08 -10.24
C ALA A 20 12.70 3.11 -10.44
N LEU A 21 12.49 2.07 -11.25
CA LEU A 21 13.54 1.10 -11.59
C LEU A 21 13.78 1.26 -13.08
N ILE A 22 12.72 1.46 -13.86
CA ILE A 22 12.94 1.73 -15.25
C ILE A 22 12.55 3.20 -15.51
N LYS A 23 13.55 4.06 -15.71
CA LYS A 23 13.36 5.48 -15.95
C LYS A 23 12.72 5.78 -17.31
N ARG A 24 11.91 6.86 -17.39
CA ARG A 24 11.25 7.35 -18.61
C ARG A 24 12.27 7.49 -19.75
N ASN A 25 11.91 7.01 -20.96
CA ASN A 25 12.68 7.03 -22.24
C ASN A 25 13.74 5.95 -22.39
N SER A 26 13.77 4.96 -21.46
CA SER A 26 14.71 3.83 -21.51
C SER A 26 14.43 3.02 -22.76
N THR A 27 15.48 2.73 -23.52
CA THR A 27 15.39 1.93 -24.74
C THR A 27 15.10 0.46 -24.39
N ILE A 28 14.12 -0.09 -25.09
CA ILE A 28 13.63 -1.44 -24.95
C ILE A 28 14.40 -2.33 -25.94
N PRO A 29 14.77 -3.61 -25.58
CA PRO A 29 14.51 -4.28 -24.29
C PRO A 29 15.33 -3.68 -23.17
N THR A 30 14.87 -3.83 -21.92
CA THR A 30 15.58 -3.29 -20.77
C THR A 30 15.32 -4.07 -19.48
N LYS A 31 16.31 -4.11 -18.60
CA LYS A 31 16.21 -4.82 -17.33
C LYS A 31 16.98 -4.04 -16.27
N GLN A 32 16.36 -3.83 -15.10
CA GLN A 32 16.96 -3.14 -13.96
C GLN A 32 16.70 -3.88 -12.66
N THR A 33 17.60 -3.72 -11.70
CA THR A 33 17.51 -4.38 -10.41
C THR A 33 17.95 -3.47 -9.28
N GLN A 34 17.18 -3.45 -8.20
CA GLN A 34 17.50 -2.75 -6.95
C GLN A 34 17.28 -3.67 -5.77
N ILE A 35 18.14 -3.59 -4.75
CA ILE A 35 18.03 -4.37 -3.53
C ILE A 35 17.19 -3.55 -2.55
N PHE A 36 16.17 -4.17 -2.01
CA PHE A 36 15.26 -3.55 -1.07
C PHE A 36 15.27 -4.27 0.24
N THR A 37 14.69 -3.64 1.26
CA THR A 37 14.66 -4.15 2.62
C THR A 37 13.28 -3.98 3.31
N THR A 38 13.17 -4.40 4.59
CA THR A 38 11.90 -4.25 5.31
C THR A 38 11.87 -2.94 6.05
N TYR A 39 10.65 -2.38 6.23
CA TYR A 39 10.48 -1.14 6.96
C TYR A 39 10.39 -1.37 8.47
N SER A 40 9.77 -2.45 8.89
CA SER A 40 9.61 -2.66 10.33
C SER A 40 10.18 -3.97 10.83
N ASP A 41 10.50 -4.03 12.13
CA ASP A 41 11.06 -5.23 12.79
C ASP A 41 10.18 -6.45 12.60
N ASN A 42 10.81 -7.62 12.37
CA ASN A 42 10.13 -8.92 12.19
C ASN A 42 9.09 -8.97 11.03
N GLN A 43 9.19 -8.05 10.06
CA GLN A 43 8.30 -7.97 8.90
C GLN A 43 8.28 -9.34 8.16
N PRO A 44 7.10 -10.02 8.14
CA PRO A 44 7.05 -11.38 7.54
C PRO A 44 7.14 -11.44 6.03
N GLY A 45 6.85 -10.31 5.37
CA GLY A 45 6.90 -10.21 3.93
C GLY A 45 6.82 -8.80 3.39
N VAL A 46 6.97 -8.67 2.08
CA VAL A 46 6.93 -7.38 1.41
C VAL A 46 5.79 -7.34 0.39
N LEU A 47 5.21 -6.16 0.16
CA LEU A 47 4.15 -5.99 -0.82
C LEU A 47 4.71 -5.21 -1.98
N ILE A 48 4.74 -5.87 -3.15
CA ILE A 48 5.27 -5.27 -4.37
C ILE A 48 4.11 -4.65 -5.12
N GLN A 49 4.15 -3.34 -5.28
CA GLN A 49 3.09 -2.58 -5.98
C GLN A 49 3.74 -1.90 -7.14
N VAL A 50 3.35 -2.32 -8.36
CA VAL A 50 3.94 -1.85 -9.61
C VAL A 50 3.20 -0.63 -10.10
N TYR A 51 3.96 0.45 -10.29
CA TYR A 51 3.48 1.76 -10.71
C TYR A 51 4.18 2.29 -11.94
N GLU A 52 3.48 3.19 -12.63
CA GLU A 52 3.88 3.87 -13.85
C GLU A 52 3.57 5.34 -13.64
N GLY A 53 4.48 6.20 -14.06
CA GLY A 53 4.29 7.63 -13.90
C GLY A 53 5.50 8.30 -13.32
N GLU A 54 5.47 9.64 -13.32
CA GLU A 54 6.58 10.47 -12.94
C GLU A 54 6.48 11.11 -11.58
N ARG A 55 5.28 11.20 -10.99
CA ARG A 55 5.05 11.83 -9.68
C ARG A 55 5.84 11.10 -8.55
N ALA A 56 6.16 11.80 -7.46
CA ALA A 56 6.97 11.23 -6.36
C ALA A 56 6.19 10.27 -5.45
N MET A 57 4.87 10.46 -5.41
CA MET A 57 4.01 9.62 -4.59
C MET A 57 3.19 8.72 -5.50
N THR A 58 3.19 7.40 -5.20
CA THR A 58 2.51 6.36 -5.97
C THR A 58 1.03 6.56 -6.19
N LYS A 59 0.30 7.18 -5.23
CA LYS A 59 -1.16 7.39 -5.38
C LYS A 59 -1.49 8.27 -6.63
N ASP A 60 -0.54 9.14 -7.01
CA ASP A 60 -0.67 10.08 -8.13
C ASP A 60 -0.20 9.49 -9.45
N ASN A 61 0.40 8.29 -9.39
CA ASN A 61 0.85 7.57 -10.56
C ASN A 61 -0.20 6.51 -10.89
N ASN A 62 0.02 5.64 -11.87
CA ASN A 62 -0.96 4.58 -12.21
C ASN A 62 -0.56 3.24 -11.65
N LEU A 63 -1.49 2.53 -11.00
CA LEU A 63 -1.21 1.17 -10.49
C LEU A 63 -1.34 0.13 -11.61
N LEU A 64 -0.31 -0.71 -11.79
CA LEU A 64 -0.31 -1.77 -12.82
C LEU A 64 -0.55 -3.16 -12.26
N GLY A 65 -0.23 -3.35 -10.98
CA GLY A 65 -0.37 -4.64 -10.33
C GLY A 65 0.34 -4.75 -9.01
N ARG A 66 0.03 -5.81 -8.29
CA ARG A 66 0.49 -6.12 -6.95
C ARG A 66 0.76 -7.59 -6.75
N PHE A 67 1.60 -7.89 -5.76
CA PHE A 67 1.94 -9.22 -5.27
C PHE A 67 2.76 -9.11 -3.99
N GLU A 68 2.68 -10.14 -3.17
CA GLU A 68 3.36 -10.19 -1.90
C GLU A 68 4.37 -11.29 -1.94
N LEU A 69 5.53 -11.04 -1.33
CA LEU A 69 6.58 -12.03 -1.18
C LEU A 69 6.63 -12.28 0.31
N SER A 70 6.10 -13.43 0.73
CA SER A 70 6.07 -13.77 2.16
C SER A 70 7.13 -14.81 2.46
N GLY A 71 7.23 -15.20 3.72
CA GLY A 71 8.20 -16.18 4.20
C GLY A 71 9.51 -15.57 4.66
N ILE A 72 9.57 -14.23 4.79
CA ILE A 72 10.77 -13.50 5.26
C ILE A 72 10.97 -13.82 6.77
N PRO A 73 12.09 -14.47 7.16
CA PRO A 73 12.29 -14.81 8.59
C PRO A 73 12.36 -13.60 9.54
N PRO A 74 11.99 -13.74 10.84
CA PRO A 74 12.07 -12.59 11.75
C PRO A 74 13.52 -12.11 11.91
N ALA A 75 13.75 -10.85 11.58
CA ALA A 75 15.03 -10.14 11.57
C ALA A 75 14.73 -8.65 11.81
N PRO A 76 15.69 -7.80 12.20
CA PRO A 76 15.34 -6.37 12.41
C PRO A 76 15.12 -5.58 11.12
N ARG A 77 14.49 -4.43 11.22
CA ARG A 77 14.27 -3.56 10.05
C ARG A 77 15.57 -3.20 9.37
N GLY A 78 15.53 -3.11 8.04
CA GLY A 78 16.69 -2.75 7.24
C GLY A 78 17.72 -3.85 7.06
N VAL A 79 17.47 -5.07 7.62
CA VAL A 79 18.39 -6.21 7.51
C VAL A 79 18.10 -7.13 6.30
N PRO A 80 16.85 -7.59 6.07
CA PRO A 80 16.61 -8.49 4.92
C PRO A 80 16.95 -7.85 3.59
N GLN A 81 17.39 -8.68 2.65
CA GLN A 81 17.80 -8.27 1.29
C GLN A 81 16.82 -8.86 0.28
N ILE A 82 16.12 -7.96 -0.42
CA ILE A 82 15.11 -8.35 -1.38
C ILE A 82 15.43 -7.79 -2.73
N GLU A 83 15.82 -8.71 -3.64
CA GLU A 83 16.22 -8.38 -5.00
C GLU A 83 14.97 -8.20 -5.87
N VAL A 84 14.73 -6.98 -6.37
CA VAL A 84 13.56 -6.71 -7.20
C VAL A 84 14.03 -6.34 -8.60
N THR A 85 13.64 -7.15 -9.62
CA THR A 85 14.04 -6.93 -11.01
C THR A 85 12.82 -6.58 -11.89
N PHE A 86 12.94 -5.56 -12.76
CA PHE A 86 11.93 -5.14 -13.76
C PHE A 86 12.56 -5.41 -15.15
N ASP A 87 11.96 -6.34 -15.89
CA ASP A 87 12.45 -6.75 -17.20
C ASP A 87 11.44 -6.47 -18.33
N ILE A 88 11.75 -5.53 -19.23
CA ILE A 88 10.88 -5.23 -20.38
C ILE A 88 11.48 -5.94 -21.61
N ASP A 89 10.70 -6.83 -22.26
CA ASP A 89 11.14 -7.52 -23.47
C ASP A 89 10.62 -6.80 -24.74
N ALA A 90 11.02 -7.27 -25.93
CA ALA A 90 10.58 -6.66 -27.21
C ALA A 90 9.19 -7.16 -27.63
N ASN A 91 8.67 -8.21 -26.95
CA ASN A 91 7.36 -8.86 -27.16
C ASN A 91 6.17 -8.17 -26.45
N GLY A 92 6.46 -7.12 -25.71
CA GLY A 92 5.42 -6.40 -24.97
C GLY A 92 5.04 -7.11 -23.69
N ILE A 93 6.05 -7.67 -23.01
CA ILE A 93 5.91 -8.38 -21.75
C ILE A 93 6.84 -7.77 -20.68
N LEU A 94 6.23 -7.27 -19.60
CA LEU A 94 6.93 -6.73 -18.44
C LEU A 94 6.81 -7.74 -17.29
N ASN A 95 7.95 -8.26 -16.82
CA ASN A 95 8.06 -9.19 -15.70
C ASN A 95 8.67 -8.49 -14.51
N VAL A 96 8.00 -8.54 -13.37
CA VAL A 96 8.51 -7.94 -12.12
C VAL A 96 8.70 -9.10 -11.15
N THR A 97 9.95 -9.35 -10.76
CA THR A 97 10.29 -10.43 -9.82
C THR A 97 10.89 -9.88 -8.50
N ALA A 98 10.54 -10.50 -7.37
CA ALA A 98 11.11 -10.19 -6.07
C ALA A 98 11.55 -11.53 -5.44
N THR A 99 12.84 -11.62 -5.10
CA THR A 99 13.47 -12.81 -4.52
C THR A 99 14.13 -12.44 -3.23
N ASP A 100 14.03 -13.33 -2.22
CA ASP A 100 14.67 -13.11 -0.93
C ASP A 100 16.05 -13.72 -1.06
N LYS A 101 17.09 -12.89 -1.08
CA LYS A 101 18.49 -13.27 -1.21
C LYS A 101 18.99 -14.28 -0.14
N SER A 102 18.32 -14.33 1.02
CA SER A 102 18.72 -15.25 2.07
C SER A 102 18.27 -16.69 1.81
N THR A 103 17.02 -16.86 1.30
CA THR A 103 16.40 -18.17 1.10
C THR A 103 16.20 -18.65 -0.34
N GLY A 104 16.21 -17.71 -1.28
CA GLY A 104 15.95 -18.02 -2.68
C GLY A 104 14.47 -17.99 -3.04
N LYS A 105 13.58 -17.84 -2.03
CA LYS A 105 12.13 -17.77 -2.22
C LYS A 105 11.79 -16.56 -3.09
N ALA A 106 10.95 -16.77 -4.12
CA ALA A 106 10.62 -15.69 -5.05
C ALA A 106 9.15 -15.63 -5.38
N ASN A 107 8.75 -14.55 -6.06
CA ASN A 107 7.39 -14.35 -6.56
C ASN A 107 7.44 -13.36 -7.71
N LYS A 108 6.48 -13.43 -8.64
CA LYS A 108 6.52 -12.53 -9.79
C LYS A 108 5.17 -12.17 -10.37
N ILE A 109 5.14 -11.10 -11.15
CA ILE A 109 3.95 -10.70 -11.88
C ILE A 109 4.35 -10.45 -13.34
N THR A 110 3.43 -10.70 -14.27
CA THR A 110 3.62 -10.47 -15.70
C THR A 110 2.61 -9.42 -16.12
N ILE A 111 3.06 -8.37 -16.80
CA ILE A 111 2.19 -7.30 -17.27
C ILE A 111 2.47 -7.18 -18.78
N THR A 112 1.41 -7.02 -19.59
CA THR A 112 1.49 -6.90 -21.05
C THR A 112 0.94 -5.56 -21.52
N ASN A 113 1.17 -5.22 -22.80
CA ASN A 113 0.67 -3.98 -23.38
C ASN A 113 -0.47 -4.23 -24.38
N ASP A 114 -1.70 -4.45 -23.86
CA ASP A 114 -2.89 -4.70 -24.68
C ASP A 114 -4.13 -3.92 -24.24
N LEU A 118 -2.75 3.47 -22.92
CA LEU A 118 -2.68 4.89 -22.62
C LEU A 118 -2.41 5.69 -23.87
N SER A 119 -3.15 6.81 -24.06
CA SER A 119 -2.98 7.70 -25.21
C SER A 119 -1.68 8.48 -25.14
N LYS A 120 -1.18 8.94 -26.30
CA LYS A 120 0.04 9.75 -26.43
C LYS A 120 -0.11 11.09 -25.70
N GLU A 121 -1.31 11.72 -25.79
CA GLU A 121 -1.65 12.99 -25.13
C GLU A 121 -1.72 12.79 -23.61
N GLU A 122 -2.29 11.65 -23.17
CA GLU A 122 -2.43 11.29 -21.76
C GLU A 122 -1.06 11.02 -21.15
N ILE A 123 -0.15 10.40 -21.93
CA ILE A 123 1.25 10.17 -21.51
C ILE A 123 1.94 11.54 -21.34
N GLU A 124 1.70 12.47 -22.28
CA GLU A 124 2.23 13.83 -22.31
C GLU A 124 1.71 14.67 -21.14
N ARG A 125 0.51 14.36 -20.63
CA ARG A 125 -0.10 15.05 -19.49
C ARG A 125 0.55 14.64 -18.19
N MET A 126 0.77 13.33 -17.98
CA MET A 126 1.39 12.79 -16.77
C MET A 126 2.76 13.41 -16.48
N VAL A 127 3.54 13.68 -17.56
CA VAL A 127 4.86 14.32 -17.49
C VAL A 127 4.73 15.85 -17.30
N GLN A 128 3.63 16.46 -17.79
CA GLN A 128 3.33 17.88 -17.61
C GLN A 128 3.03 18.12 -16.12
N GLU A 129 2.08 17.34 -15.60
CA GLU A 129 1.58 17.32 -14.23
C GLU A 129 2.70 17.08 -13.22
N ALA A 130 3.65 16.17 -13.53
CA ALA A 130 4.79 15.85 -12.68
C ALA A 130 5.72 17.04 -12.43
N GLU A 131 5.99 17.86 -13.46
CA GLU A 131 6.86 19.03 -13.27
C GLU A 131 6.13 20.21 -12.66
N LYS A 132 4.80 20.28 -12.85
CA LYS A 132 3.94 21.29 -12.23
C LYS A 132 3.90 21.04 -10.70
N TYR A 133 3.69 19.76 -10.31
CA TYR A 133 3.61 19.31 -8.92
C TYR A 133 4.96 18.86 -8.35
N LYS A 134 6.07 19.12 -9.08
CA LYS A 134 7.43 18.71 -8.71
C LYS A 134 7.85 19.03 -7.28
N ALA A 135 7.60 20.29 -6.82
CA ALA A 135 7.98 20.79 -5.50
C ALA A 135 7.15 20.20 -4.37
N GLU A 136 5.82 20.16 -4.56
CA GLU A 136 4.86 19.61 -3.59
C GLU A 136 5.13 18.12 -3.38
N ASP A 137 5.46 17.42 -4.49
CA ASP A 137 5.78 15.99 -4.52
C ASP A 137 7.09 15.74 -3.80
N GLU A 138 8.13 16.55 -4.09
CA GLU A 138 9.43 16.40 -3.43
C GLU A 138 9.37 16.64 -1.91
N VAL A 139 8.45 17.52 -1.46
CA VAL A 139 8.20 17.78 -0.03
C VAL A 139 7.66 16.52 0.67
N GLN A 140 6.58 15.91 0.12
CA GLN A 140 6.00 14.69 0.66
C GLN A 140 7.00 13.55 0.68
N ARG A 141 7.85 13.45 -0.35
CA ARG A 141 8.90 12.43 -0.44
C ARG A 141 9.91 12.58 0.71
N GLU A 142 10.50 13.79 0.86
CA GLU A 142 11.47 14.16 1.91
C GLU A 142 10.93 13.89 3.32
N ARG A 143 9.64 14.21 3.56
CA ARG A 143 8.96 14.07 4.84
C ARG A 143 8.68 12.62 5.21
N VAL A 144 8.33 11.79 4.22
CA VAL A 144 7.90 10.42 4.44
C VAL A 144 8.90 9.26 4.19
N SER A 145 9.97 9.49 3.40
CA SER A 145 10.97 8.46 3.09
C SER A 145 11.88 8.15 4.27
N LYS A 147 14.04 4.88 2.78
CA LYS A 147 14.97 4.81 1.63
C LYS A 147 14.60 3.64 0.68
N ASN A 148 15.18 2.45 0.90
CA ASN A 148 14.93 1.25 0.10
C ASN A 148 14.10 0.26 0.92
N ALA A 149 13.23 0.83 1.80
CA ALA A 149 12.38 0.07 2.71
C ALA A 149 11.03 -0.20 2.07
N LEU A 150 10.59 -1.45 2.22
CA LEU A 150 9.32 -1.92 1.70
C LEU A 150 8.39 -2.29 2.84
N GLU A 151 7.13 -1.90 2.73
CA GLU A 151 6.10 -2.28 3.70
C GLU A 151 5.53 -3.65 3.27
N ASP B 3 -13.61 -5.17 29.34
CA ASP B 3 -12.80 -5.40 28.14
C ASP B 3 -12.91 -4.27 27.13
N VAL B 4 -11.74 -3.75 26.73
CA VAL B 4 -11.58 -2.64 25.79
C VAL B 4 -10.59 -3.00 24.67
N ALA B 5 -10.60 -2.20 23.59
CA ALA B 5 -9.67 -2.30 22.47
C ALA B 5 -8.42 -1.51 22.92
N PRO B 6 -7.26 -2.17 23.24
CA PRO B 6 -6.09 -1.43 23.74
C PRO B 6 -5.50 -0.41 22.79
N LEU B 7 -5.63 -0.61 21.48
CA LEU B 7 -5.12 0.34 20.49
C LEU B 7 -6.18 0.60 19.45
N SER B 8 -6.13 1.79 18.80
CA SER B 8 -7.08 2.12 17.73
C SER B 8 -6.91 1.10 16.62
N LEU B 9 -8.02 0.75 15.95
CA LEU B 9 -8.07 -0.18 14.85
C LEU B 9 -8.69 0.56 13.68
N GLY B 10 -7.95 0.53 12.57
CA GLY B 10 -8.38 1.21 11.37
C GLY B 10 -7.68 0.70 10.13
N LEU B 11 -7.90 1.44 9.05
CA LEU B 11 -7.36 1.08 7.77
C LEU B 11 -6.56 2.21 7.12
N GLU B 12 -5.84 1.88 6.05
CA GLU B 12 -5.04 2.85 5.35
C GLU B 12 -5.82 3.68 4.33
N THR B 13 -5.92 5.01 4.56
CA THR B 13 -6.55 5.87 3.55
C THR B 13 -5.44 6.37 2.62
N ALA B 14 -5.80 6.94 1.43
CA ALA B 14 -4.87 7.40 0.38
C ALA B 14 -3.67 8.18 0.91
N GLY B 15 -2.49 7.80 0.46
CA GLY B 15 -1.24 8.40 0.90
C GLY B 15 -0.63 7.82 2.17
N GLY B 16 -1.03 6.60 2.55
CA GLY B 16 -0.49 5.94 3.73
C GLY B 16 -1.00 6.44 5.08
N VAL B 17 -2.09 7.23 5.03
CA VAL B 17 -2.74 7.84 6.19
C VAL B 17 -3.50 6.78 7.03
N MET B 18 -3.39 6.86 8.37
CA MET B 18 -4.11 5.98 9.29
C MET B 18 -5.50 6.58 9.59
N THR B 19 -6.58 5.80 9.35
CA THR B 19 -7.93 6.22 9.65
C THR B 19 -8.53 5.16 10.58
N ALA B 20 -8.70 5.52 11.87
CA ALA B 20 -9.25 4.59 12.86
C ALA B 20 -10.74 4.44 12.67
N LEU B 21 -11.18 3.21 12.63
CA LEU B 21 -12.60 2.86 12.60
C LEU B 21 -13.07 2.66 14.08
N ILE B 22 -12.26 1.91 14.86
CA ILE B 22 -12.54 1.65 16.27
C ILE B 22 -11.48 2.39 17.09
N LYS B 23 -11.92 3.45 17.83
CA LYS B 23 -11.03 4.28 18.65
C LYS B 23 -10.42 3.47 19.78
N ARG B 24 -9.23 3.85 20.25
CA ARG B 24 -8.56 3.21 21.40
C ARG B 24 -9.48 3.27 22.63
N ASN B 25 -9.41 2.25 23.51
CA ASN B 25 -10.20 2.14 24.74
C ASN B 25 -11.74 2.00 24.54
N SER B 26 -12.17 1.59 23.34
CA SER B 26 -13.57 1.32 23.03
C SER B 26 -13.90 0.01 23.75
N THR B 27 -15.08 -0.05 24.37
CA THR B 27 -15.58 -1.23 25.09
C THR B 27 -16.04 -2.29 24.09
N ILE B 28 -15.59 -3.53 24.30
CA ILE B 28 -15.85 -4.73 23.49
C ILE B 28 -17.13 -5.43 24.03
N PRO B 29 -18.01 -6.05 23.19
CA PRO B 29 -18.02 -6.13 21.73
C PRO B 29 -18.38 -4.77 21.12
N THR B 30 -17.88 -4.48 19.89
CA THR B 30 -18.10 -3.22 19.20
C THR B 30 -18.01 -3.43 17.69
N LYS B 31 -18.75 -2.58 16.96
CA LYS B 31 -18.88 -2.59 15.52
C LYS B 31 -19.11 -1.19 15.02
N GLN B 32 -18.20 -0.76 14.14
CA GLN B 32 -18.17 0.57 13.53
C GLN B 32 -18.05 0.48 12.03
N THR B 33 -18.78 1.36 11.34
CA THR B 33 -18.86 1.44 9.88
C THR B 33 -18.58 2.86 9.36
N GLN B 34 -17.77 2.95 8.29
CA GLN B 34 -17.49 4.19 7.57
C GLN B 34 -17.64 3.91 6.12
N ILE B 35 -18.12 4.91 5.37
CA ILE B 35 -18.28 4.82 3.92
C ILE B 35 -17.04 5.46 3.31
N PHE B 36 -16.45 4.74 2.36
CA PHE B 36 -15.25 5.16 1.65
C PHE B 36 -15.43 5.27 0.14
N THR B 37 -14.47 5.94 -0.49
CA THR B 37 -14.47 6.19 -1.92
C THR B 37 -13.13 5.79 -2.49
N THR B 38 -12.96 6.01 -3.80
CA THR B 38 -11.72 5.72 -4.53
C THR B 38 -10.90 7.02 -4.69
N TYR B 39 -9.56 6.92 -4.56
CA TYR B 39 -8.73 8.10 -4.71
C TYR B 39 -8.54 8.46 -6.19
N SER B 40 -8.35 7.45 -7.06
CA SER B 40 -8.07 7.64 -8.48
C SER B 40 -9.24 7.33 -9.40
N ASP B 41 -9.24 7.94 -10.64
CA ASP B 41 -10.25 7.70 -11.67
C ASP B 41 -10.13 6.31 -12.26
N ASN B 42 -11.30 5.66 -12.54
CA ASN B 42 -11.43 4.33 -13.14
C ASN B 42 -10.70 3.23 -12.33
N GLN B 43 -10.73 3.37 -11.01
CA GLN B 43 -10.09 2.46 -10.05
C GLN B 43 -10.84 1.14 -9.98
N PRO B 44 -10.27 0.04 -10.54
CA PRO B 44 -11.01 -1.23 -10.54
C PRO B 44 -11.24 -1.88 -9.18
N GLY B 45 -10.56 -1.38 -8.16
CA GLY B 45 -10.66 -1.90 -6.82
C GLY B 45 -10.08 -1.03 -5.74
N VAL B 46 -10.10 -1.57 -4.52
CA VAL B 46 -9.59 -0.95 -3.29
C VAL B 46 -8.82 -2.03 -2.49
N LEU B 47 -7.73 -1.62 -1.82
CA LEU B 47 -6.91 -2.53 -1.04
C LEU B 47 -7.14 -2.16 0.40
N ILE B 48 -7.71 -3.11 1.16
CA ILE B 48 -7.99 -2.87 2.57
C ILE B 48 -6.79 -3.37 3.34
N GLN B 49 -6.05 -2.39 3.91
CA GLN B 49 -4.86 -2.58 4.76
C GLN B 49 -5.27 -2.28 6.23
N VAL B 50 -5.32 -3.34 7.06
CA VAL B 50 -5.74 -3.29 8.46
C VAL B 50 -4.57 -3.01 9.37
N TYR B 51 -4.66 -1.85 10.06
CA TYR B 51 -3.68 -1.36 11.01
C TYR B 51 -4.19 -1.21 12.45
N GLU B 52 -3.22 -1.24 13.38
CA GLU B 52 -3.34 -1.12 14.83
C GLU B 52 -2.31 -0.10 15.31
N GLY B 53 -2.77 0.95 16.00
CA GLY B 53 -1.87 1.96 16.53
C GLY B 53 -2.38 3.38 16.43
N GLU B 54 -1.64 4.31 17.06
CA GLU B 54 -2.03 5.73 17.14
C GLU B 54 -1.26 6.67 16.25
N ARG B 55 -0.22 6.20 15.55
CA ARG B 55 0.56 7.06 14.65
C ARG B 55 -0.26 7.44 13.44
N ALA B 56 -0.12 8.72 13.01
CA ALA B 56 -0.84 9.32 11.88
C ALA B 56 -0.66 8.57 10.55
N MET B 57 0.49 7.91 10.40
CA MET B 57 0.91 7.19 9.24
C MET B 57 1.03 5.71 9.53
N THR B 58 0.39 4.90 8.66
CA THR B 58 0.30 3.44 8.71
C THR B 58 1.62 2.70 8.82
N LYS B 59 2.67 3.20 8.15
CA LYS B 59 4.02 2.63 8.21
C LYS B 59 4.53 2.53 9.66
N ASP B 60 4.10 3.49 10.50
CA ASP B 60 4.49 3.60 11.90
C ASP B 60 3.61 2.85 12.91
N ASN B 61 2.49 2.27 12.42
CA ASN B 61 1.57 1.43 13.19
C ASN B 61 1.83 -0.05 12.86
N ASN B 62 1.01 -0.98 13.39
CA ASN B 62 1.23 -2.39 13.11
C ASN B 62 0.23 -2.99 12.14
N LEU B 63 0.74 -3.63 11.05
CA LEU B 63 -0.09 -4.27 10.03
C LEU B 63 -0.64 -5.57 10.59
N LEU B 64 -1.96 -5.77 10.46
CA LEU B 64 -2.62 -6.99 10.94
C LEU B 64 -3.01 -7.92 9.77
N GLY B 65 -3.11 -7.34 8.57
CA GLY B 65 -3.52 -8.07 7.38
C GLY B 65 -4.02 -7.20 6.25
N ARG B 66 -4.23 -7.82 5.09
CA ARG B 66 -4.67 -7.16 3.86
C ARG B 66 -5.63 -8.04 3.06
N PHE B 67 -6.44 -7.38 2.22
CA PHE B 67 -7.33 -8.03 1.25
C PHE B 67 -7.78 -6.99 0.28
N GLU B 68 -8.16 -7.41 -0.90
CA GLU B 68 -8.65 -6.42 -1.82
C GLU B 68 -10.09 -6.61 -2.21
N LEU B 69 -10.74 -5.52 -2.57
CA LEU B 69 -12.08 -5.59 -3.08
C LEU B 69 -11.97 -5.22 -4.55
N SER B 70 -11.91 -6.25 -5.40
CA SER B 70 -11.81 -6.06 -6.84
C SER B 70 -13.22 -6.05 -7.47
N GLY B 71 -13.31 -5.65 -8.73
CA GLY B 71 -14.59 -5.64 -9.42
C GLY B 71 -15.41 -4.40 -9.19
N ILE B 72 -14.74 -3.27 -8.86
CA ILE B 72 -15.43 -1.99 -8.68
C ILE B 72 -15.56 -1.40 -10.08
N PRO B 73 -16.81 -1.19 -10.56
CA PRO B 73 -16.99 -0.65 -11.91
C PRO B 73 -16.32 0.71 -12.08
N PRO B 74 -15.34 0.83 -13.02
CA PRO B 74 -14.61 2.11 -13.21
C PRO B 74 -15.50 3.35 -13.31
N ALA B 75 -15.24 4.28 -12.40
CA ALA B 75 -16.00 5.51 -12.26
C ALA B 75 -15.04 6.65 -11.90
N PRO B 76 -15.41 7.95 -12.08
CA PRO B 76 -14.50 9.02 -11.65
C PRO B 76 -14.18 8.91 -10.16
N ARG B 77 -13.02 9.41 -9.74
CA ARG B 77 -12.61 9.41 -8.33
C ARG B 77 -13.71 10.04 -7.45
N GLY B 78 -13.97 9.44 -6.29
CA GLY B 78 -14.97 9.99 -5.35
C GLY B 78 -16.43 9.63 -5.58
N VAL B 79 -16.74 8.85 -6.62
CA VAL B 79 -18.08 8.40 -6.97
C VAL B 79 -18.40 7.02 -6.30
N PRO B 80 -17.54 5.96 -6.38
CA PRO B 80 -17.84 4.70 -5.68
C PRO B 80 -18.01 4.85 -4.17
N GLN B 81 -18.92 4.07 -3.59
CA GLN B 81 -19.19 4.09 -2.17
C GLN B 81 -18.89 2.69 -1.64
N ILE B 82 -17.79 2.55 -0.86
CA ILE B 82 -17.34 1.26 -0.31
C ILE B 82 -17.62 1.29 1.17
N GLU B 83 -18.47 0.36 1.63
CA GLU B 83 -18.83 0.27 3.04
C GLU B 83 -17.77 -0.58 3.76
N VAL B 84 -17.08 0.02 4.74
CA VAL B 84 -16.06 -0.67 5.53
C VAL B 84 -16.59 -0.81 6.93
N THR B 85 -16.62 -2.05 7.41
CA THR B 85 -17.12 -2.35 8.73
C THR B 85 -16.05 -3.14 9.48
N PHE B 86 -15.77 -2.74 10.72
CA PHE B 86 -14.83 -3.37 11.65
C PHE B 86 -15.70 -3.92 12.75
N ASP B 87 -15.53 -5.22 13.07
CA ASP B 87 -16.34 -5.89 14.08
C ASP B 87 -15.53 -6.72 15.06
N ILE B 88 -15.59 -6.32 16.35
CA ILE B 88 -14.98 -7.05 17.46
C ILE B 88 -16.11 -7.73 18.26
N ASP B 89 -16.23 -9.05 18.16
CA ASP B 89 -17.22 -9.83 18.89
C ASP B 89 -16.69 -10.12 20.32
N ALA B 90 -17.54 -10.69 21.19
CA ALA B 90 -17.15 -11.02 22.55
C ALA B 90 -16.20 -12.23 22.64
N ASN B 91 -16.13 -13.07 21.58
CA ASN B 91 -15.32 -14.30 21.53
C ASN B 91 -13.91 -14.20 20.95
N GLY B 92 -13.37 -12.98 20.84
CA GLY B 92 -12.01 -12.76 20.34
C GLY B 92 -11.84 -12.78 18.83
N ILE B 93 -12.89 -12.38 18.09
CA ILE B 93 -12.86 -12.39 16.62
C ILE B 93 -13.07 -10.98 16.04
N LEU B 94 -12.06 -10.49 15.29
CA LEU B 94 -12.09 -9.21 14.58
C LEU B 94 -12.44 -9.47 13.11
N ASN B 95 -13.57 -8.92 12.64
CA ASN B 95 -13.99 -9.06 11.24
C ASN B 95 -13.97 -7.73 10.55
N VAL B 96 -13.23 -7.64 9.44
CA VAL B 96 -13.20 -6.41 8.68
C VAL B 96 -13.81 -6.78 7.35
N THR B 97 -14.80 -6.03 6.87
CA THR B 97 -15.52 -6.29 5.62
C THR B 97 -15.58 -4.98 4.77
N ALA B 98 -15.42 -5.14 3.45
CA ALA B 98 -15.52 -4.02 2.50
C ALA B 98 -16.60 -4.41 1.51
N THR B 99 -17.59 -3.54 1.33
CA THR B 99 -18.70 -3.83 0.42
C THR B 99 -18.94 -2.70 -0.56
N ASP B 100 -18.95 -3.02 -1.85
CA ASP B 100 -19.29 -2.05 -2.88
C ASP B 100 -20.80 -1.88 -2.76
N LYS B 101 -21.25 -0.70 -2.27
CA LYS B 101 -22.65 -0.35 -2.04
C LYS B 101 -23.54 -0.44 -3.28
N SER B 102 -22.96 -0.26 -4.49
CA SER B 102 -23.75 -0.29 -5.73
C SER B 102 -24.02 -1.70 -6.27
N THR B 103 -23.07 -2.63 -6.12
CA THR B 103 -23.22 -4.00 -6.63
C THR B 103 -23.49 -5.00 -5.51
N GLY B 104 -23.08 -4.67 -4.29
CA GLY B 104 -23.22 -5.59 -3.16
C GLY B 104 -22.03 -6.53 -3.08
N LYS B 105 -21.08 -6.45 -4.04
CA LYS B 105 -19.88 -7.27 -4.06
C LYS B 105 -19.02 -7.00 -2.82
N ALA B 106 -18.59 -8.09 -2.16
CA ALA B 106 -17.84 -7.95 -0.93
C ALA B 106 -16.74 -8.96 -0.73
N ASN B 107 -15.85 -8.62 0.18
CA ASN B 107 -14.74 -9.42 0.67
C ASN B 107 -14.54 -8.98 2.11
N LYS B 108 -13.76 -9.78 2.86
CA LYS B 108 -13.51 -9.55 4.26
C LYS B 108 -12.22 -10.22 4.68
N ILE B 109 -11.81 -10.01 5.94
CA ILE B 109 -10.65 -10.66 6.57
C ILE B 109 -11.05 -10.97 8.03
N THR B 110 -10.49 -12.06 8.58
CA THR B 110 -10.78 -12.47 9.94
C THR B 110 -9.49 -12.54 10.74
N ILE B 111 -9.38 -11.70 11.79
CA ILE B 111 -8.17 -11.62 12.63
C ILE B 111 -8.53 -12.03 14.04
N THR B 112 -7.76 -12.99 14.59
CA THR B 112 -7.95 -13.52 15.95
C THR B 112 -6.99 -12.86 16.95
N ASN B 113 -7.30 -12.92 18.26
CA ASN B 113 -6.49 -12.31 19.32
C ASN B 113 -5.53 -13.32 19.99
N ASP B 114 -5.05 -14.32 19.24
CA ASP B 114 -4.16 -15.37 19.76
C ASP B 114 -3.09 -15.74 18.77
N LEU B 118 1.04 -8.55 21.40
CA LEU B 118 1.92 -7.59 22.05
C LEU B 118 1.82 -7.59 23.58
N SER B 119 2.90 -7.15 24.23
CA SER B 119 3.04 -6.98 25.68
C SER B 119 2.30 -5.69 26.08
N LYS B 120 1.88 -5.55 27.35
CA LYS B 120 1.17 -4.35 27.83
C LYS B 120 2.02 -3.08 27.72
N GLU B 121 3.36 -3.23 27.91
CA GLU B 121 4.37 -2.18 27.85
C GLU B 121 4.50 -1.60 26.44
N GLU B 122 4.53 -2.48 25.42
CA GLU B 122 4.62 -2.06 24.01
C GLU B 122 3.36 -1.32 23.53
N ILE B 123 2.24 -1.47 24.27
CA ILE B 123 0.98 -0.76 24.04
C ILE B 123 1.17 0.68 24.54
N GLU B 124 1.55 0.85 25.82
CA GLU B 124 1.76 2.17 26.41
C GLU B 124 2.85 2.93 25.66
N ARG B 125 3.88 2.21 25.16
CA ARG B 125 4.95 2.78 24.34
C ARG B 125 4.39 3.31 23.01
N MET B 126 3.44 2.58 22.40
CA MET B 126 2.81 2.99 21.15
C MET B 126 1.94 4.21 21.39
N VAL B 127 1.21 4.26 22.52
CA VAL B 127 0.38 5.42 22.85
C VAL B 127 1.23 6.64 23.16
N GLN B 128 2.38 6.43 23.85
CA GLN B 128 3.36 7.46 24.17
C GLN B 128 4.10 7.96 22.94
N GLU B 129 4.52 7.05 22.02
CA GLU B 129 5.20 7.39 20.76
C GLU B 129 4.35 8.33 19.93
N ALA B 130 3.04 8.11 19.92
CA ALA B 130 2.11 8.97 19.19
C ALA B 130 2.04 10.35 19.82
N GLU B 131 2.24 10.44 21.14
CA GLU B 131 2.24 11.72 21.85
C GLU B 131 3.62 12.37 21.69
N LYS B 132 4.69 11.56 21.83
CA LYS B 132 6.10 11.94 21.69
C LYS B 132 6.37 12.53 20.32
N TYR B 133 6.09 11.76 19.24
CA TYR B 133 6.31 12.19 17.86
C TYR B 133 5.07 12.85 17.24
N LYS B 134 4.19 13.44 18.07
CA LYS B 134 2.96 14.11 17.61
C LYS B 134 3.19 15.15 16.50
N ALA B 135 4.32 15.89 16.56
CA ALA B 135 4.71 16.96 15.62
C ALA B 135 4.77 16.52 14.15
N LYS B 147 -8.79 11.44 2.26
CA LYS B 147 -9.42 11.54 3.58
C LYS B 147 -10.44 10.39 3.83
N ASN B 148 -11.41 10.28 2.91
CA ASN B 148 -12.42 9.22 2.88
C ASN B 148 -12.15 8.37 1.61
N ALA B 149 -10.99 8.60 0.94
CA ALA B 149 -10.56 7.95 -0.29
C ALA B 149 -9.62 6.81 -0.02
N LEU B 150 -9.75 5.75 -0.81
CA LEU B 150 -8.92 4.56 -0.74
C LEU B 150 -8.18 4.34 -2.06
N GLU B 151 -7.08 3.58 -1.98
CA GLU B 151 -6.25 3.14 -3.10
C GLU B 151 -6.51 1.62 -3.32
#